data_3T0V
#
_entry.id   3T0V
#
_cell.length_a   83.663
_cell.length_b   93.639
_cell.length_c   30.573
_cell.angle_alpha   90.00
_cell.angle_beta   90.00
_cell.angle_gamma   90.00
#
_symmetry.space_group_name_H-M   'C 2 2 21'
#
loop_
_entity.id
_entity.type
_entity.pdbx_description
1 polymer 'immunoglobulin variable lambda domain'
2 non-polymer 'PENTAETHYLENE GLYCOL'
3 non-polymer 3,6,9,12,15,18,21,24,27,30,33,36,39-TRIDECAOXAHENTETRACONTANE-1,41-DIOL
4 non-polymer 1,2-ETHANEDIOL
5 non-polymer 'SULFATE ION'
6 non-polymer 2-AMINO-2-HYDROXYMETHYL-PROPANE-1,3-DIOL
7 water water
#
_entity_poly.entity_id   1
_entity_poly.type   'polypeptide(L)'
_entity_poly.pdbx_seq_one_letter_code
;(PCA)PVLTQSPSVSGTPGQKVTIFCSGSSSNVEDNSVYWYQQFPGTTPKVLIYNDDRRSSGVPDRFSGSKSGTSASLAI
SGLRSEDEADYYCLSWDDSLNGWVFGGGTKVTVLDAASGADHHHHHH
;
_entity_poly.pdbx_strand_id   A
#
# COMPACT_ATOMS: atom_id res chain seq x y z
N PRO A 2 -1.58 -14.71 -3.59
CA PRO A 2 -2.18 -13.42 -3.93
C PRO A 2 -2.08 -13.09 -5.41
N VAL A 3 -3.11 -12.41 -5.89
CA VAL A 3 -3.25 -12.02 -7.29
C VAL A 3 -2.48 -10.72 -7.56
N LEU A 4 -2.35 -9.89 -6.52
CA LEU A 4 -1.53 -8.68 -6.59
C LEU A 4 -0.18 -9.01 -5.97
N THR A 5 0.89 -8.56 -6.64
CA THR A 5 2.25 -8.86 -6.20
C THR A 5 2.87 -7.60 -5.61
N GLN A 6 3.23 -7.67 -4.33
CA GLN A 6 3.85 -6.54 -3.63
C GLN A 6 5.37 -6.65 -3.52
N SER A 7 5.99 -5.49 -3.33
CA SER A 7 7.42 -5.36 -3.02
C SER A 7 7.84 -6.22 -1.83
N PRO A 8 9.08 -6.69 -1.85
CA PRO A 8 9.65 -7.34 -0.66
C PRO A 8 9.80 -6.35 0.50
N SER A 9 10.06 -6.89 1.69
CA SER A 9 10.24 -6.07 2.88
C SER A 9 11.22 -4.92 2.65
N VAL A 10 10.93 -3.78 3.27
CA VAL A 10 11.85 -2.65 3.15
C VAL A 10 12.09 -2.05 4.53
N SER A 11 13.24 -1.38 4.67
CA SER A 11 13.60 -0.75 5.92
C SER A 11 14.02 0.68 5.65
N GLY A 12 13.98 1.50 6.68
CA GLY A 12 14.59 2.80 6.62
C GLY A 12 14.84 3.31 8.02
N THR A 13 15.59 4.39 8.13
CA THR A 13 15.75 5.09 9.40
C THR A 13 14.79 6.27 9.39
N PRO A 14 14.53 6.85 10.57
CA PRO A 14 13.56 7.96 10.58
C PRO A 14 14.00 9.10 9.67
N GLY A 15 13.03 9.64 8.92
CA GLY A 15 13.30 10.74 8.01
C GLY A 15 13.49 10.31 6.58
N GLN A 16 13.74 9.02 6.37
CA GLN A 16 13.95 8.51 5.03
C GLN A 16 12.62 8.27 4.31
N LYS A 17 12.71 7.96 3.03
CA LYS A 17 11.52 7.67 2.24
C LYS A 17 11.56 6.22 1.79
N VAL A 18 10.42 5.54 1.88
CA VAL A 18 10.30 4.19 1.31
C VAL A 18 9.15 4.17 0.32
N THR A 19 9.26 3.32 -0.70
CA THR A 19 8.18 3.11 -1.65
C THR A 19 7.82 1.63 -1.66
N ILE A 20 6.53 1.35 -1.55
CA ILE A 20 6.01 -0.01 -1.61
C ILE A 20 5.27 -0.15 -2.93
N PHE A 21 5.53 -1.23 -3.65
CA PHE A 21 4.87 -1.45 -4.94
C PHE A 21 3.79 -2.52 -4.87
N CYS A 22 2.82 -2.39 -5.77
CA CYS A 22 1.70 -3.32 -5.89
C CYS A 22 1.41 -3.52 -7.37
N SER A 23 1.79 -4.67 -7.93
CA SER A 23 1.61 -4.94 -9.34
C SER A 23 0.41 -5.88 -9.57
N GLY A 24 -0.47 -5.47 -10.49
CA GLY A 24 -1.63 -6.25 -10.84
C GLY A 24 -1.70 -6.54 -12.33
N SER A 25 -2.91 -6.44 -12.89
CA SER A 25 -3.14 -6.77 -14.28
C SER A 25 -4.28 -5.95 -14.82
N SER A 26 -4.61 -6.15 -16.09
CA SER A 26 -5.70 -5.44 -16.74
C SER A 26 -7.05 -5.75 -16.11
N SER A 27 -7.14 -6.86 -15.39
CA SER A 27 -8.41 -7.31 -14.80
CA SER A 27 -8.42 -7.27 -14.82
C SER A 27 -8.66 -6.68 -13.43
N ASN A 28 -7.64 -6.08 -12.84
CA ASN A 28 -7.83 -5.49 -11.51
C ASN A 28 -7.42 -4.02 -11.42
N VAL A 29 -6.15 -3.77 -11.09
CA VAL A 29 -5.75 -2.40 -10.79
CA VAL A 29 -5.60 -2.44 -10.84
C VAL A 29 -5.78 -1.43 -11.99
N GLU A 30 -5.76 -1.94 -13.21
CA GLU A 30 -5.70 -1.02 -14.35
C GLU A 30 -6.88 -0.04 -14.40
N ASP A 31 -8.09 -0.56 -14.23
CA ASP A 31 -9.29 0.27 -14.36
C ASP A 31 -10.08 0.39 -13.07
N ASN A 32 -9.65 -0.32 -12.03
CA ASN A 32 -10.33 -0.28 -10.74
C ASN A 32 -9.50 0.41 -9.69
N SER A 33 -10.18 1.08 -8.75
CA SER A 33 -9.50 1.79 -7.66
C SER A 33 -8.63 0.89 -6.83
N VAL A 34 -7.49 1.43 -6.42
CA VAL A 34 -6.61 0.73 -5.50
C VAL A 34 -6.74 1.37 -4.12
N TYR A 35 -6.75 0.52 -3.10
CA TYR A 35 -6.79 0.97 -1.71
C TYR A 35 -5.55 0.45 -1.01
N TRP A 36 -5.07 1.18 -0.01
CA TRP A 36 -3.93 0.73 0.80
C TRP A 36 -4.34 0.66 2.24
N TYR A 37 -3.98 -0.44 2.89
CA TYR A 37 -4.29 -0.68 4.29
C TYR A 37 -3.02 -0.76 5.10
N GLN A 38 -3.08 -0.25 6.33
CA GLN A 38 -1.99 -0.35 7.27
C GLN A 38 -2.41 -1.30 8.39
N GLN A 39 -1.56 -2.25 8.73
CA GLN A 39 -1.88 -3.19 9.79
C GLN A 39 -0.76 -3.39 10.78
N PHE A 40 -1.06 -3.14 12.05
CA PHE A 40 -0.12 -3.43 13.12
C PHE A 40 -0.39 -4.84 13.64
N PRO A 41 0.63 -5.47 14.25
CA PRO A 41 0.41 -6.83 14.74
C PRO A 41 -0.77 -6.88 15.70
N GLY A 42 -1.62 -7.90 15.56
CA GLY A 42 -2.73 -8.09 16.48
C GLY A 42 -3.81 -7.05 16.39
N THR A 43 -3.85 -6.30 15.28
CA THR A 43 -4.81 -5.22 15.11
C THR A 43 -5.49 -5.33 13.75
N THR A 44 -6.74 -4.89 13.63
CA THR A 44 -7.42 -4.92 12.33
C THR A 44 -6.81 -3.93 11.34
N PRO A 45 -6.72 -4.32 10.05
CA PRO A 45 -6.12 -3.40 9.08
C PRO A 45 -7.02 -2.20 8.85
N LYS A 46 -6.41 -1.03 8.71
CA LYS A 46 -7.15 0.21 8.51
C LYS A 46 -6.81 0.86 7.17
N VAL A 47 -7.79 1.48 6.53
CA VAL A 47 -7.58 2.09 5.23
C VAL A 47 -6.80 3.39 5.35
N LEU A 48 -5.68 3.48 4.61
CA LEU A 48 -4.86 4.70 4.58
C LEU A 48 -5.11 5.50 3.31
N ILE A 49 -5.22 4.80 2.19
CA ILE A 49 -5.43 5.41 0.88
C ILE A 49 -6.62 4.74 0.21
N TYR A 50 -7.48 5.52 -0.43
CA TYR A 50 -8.58 4.95 -1.21
C TYR A 50 -8.62 5.62 -2.57
N ASN A 51 -9.29 5.00 -3.54
CA ASN A 51 -9.42 5.59 -4.87
C ASN A 51 -8.06 6.02 -5.43
N ASP A 52 -7.10 5.10 -5.33
CA ASP A 52 -5.74 5.26 -5.85
C ASP A 52 -4.85 6.22 -5.04
N ASP A 53 -5.34 7.41 -4.76
CA ASP A 53 -4.47 8.45 -4.21
C ASP A 53 -5.09 9.37 -3.17
N ARG A 54 -6.27 9.00 -2.67
CA ARG A 54 -6.95 9.84 -1.69
C ARG A 54 -6.59 9.38 -0.29
N ARG A 55 -6.18 10.32 0.55
CA ARG A 55 -5.83 10.02 1.93
CA ARG A 55 -5.83 10.03 1.94
C ARG A 55 -7.06 9.98 2.82
N SER A 56 -7.14 8.95 3.67
CA SER A 56 -8.22 8.88 4.64
C SER A 56 -8.04 9.99 5.66
N SER A 57 -9.12 10.35 6.33
CA SER A 57 -9.03 11.42 7.31
CA SER A 57 -9.05 11.41 7.34
C SER A 57 -7.97 11.08 8.38
N GLY A 58 -7.13 12.05 8.69
CA GLY A 58 -6.07 11.85 9.68
C GLY A 58 -4.76 11.29 9.14
N VAL A 59 -4.74 10.84 7.89
CA VAL A 59 -3.51 10.30 7.32
C VAL A 59 -2.62 11.45 6.87
N PRO A 60 -1.37 11.47 7.37
CA PRO A 60 -0.36 12.47 7.04
C PRO A 60 -0.09 12.52 5.54
N ASP A 61 0.20 13.72 5.04
CA ASP A 61 0.49 13.94 3.62
C ASP A 61 1.77 13.24 3.17
N ARG A 62 2.59 12.82 4.11
CA ARG A 62 3.81 12.10 3.75
C ARG A 62 3.51 10.70 3.24
N PHE A 63 2.26 10.26 3.39
CA PHE A 63 1.79 9.05 2.72
C PHE A 63 1.19 9.42 1.39
N SER A 64 1.73 8.88 0.30
CA SER A 64 1.26 9.23 -1.03
C SER A 64 0.98 7.97 -1.86
N GLY A 65 -0.22 7.87 -2.40
CA GLY A 65 -0.58 6.76 -3.25
C GLY A 65 -0.55 7.18 -4.69
N SER A 66 -0.15 6.26 -5.57
CA SER A 66 -0.21 6.56 -7.00
C SER A 66 -0.45 5.29 -7.78
N LYS A 67 -0.84 5.46 -9.03
CA LYS A 67 -1.10 4.34 -9.91
C LYS A 67 -0.79 4.68 -11.36
N SER A 68 -0.19 3.73 -12.05
CA SER A 68 0.18 3.86 -13.45
C SER A 68 0.05 2.51 -14.12
N GLY A 69 -0.77 2.41 -15.17
CA GLY A 69 -0.99 1.16 -15.85
C GLY A 69 -1.53 0.13 -14.88
N THR A 70 -0.83 -1.01 -14.78
CA THR A 70 -1.20 -2.09 -13.89
C THR A 70 -0.35 -2.10 -12.62
N SER A 71 0.26 -0.96 -12.33
CA SER A 71 1.16 -0.83 -11.17
CA SER A 71 1.15 -0.84 -11.17
C SER A 71 0.69 0.27 -10.23
N ALA A 72 0.78 0.02 -8.93
CA ALA A 72 0.44 1.02 -7.93
C ALA A 72 1.57 1.12 -6.91
N SER A 73 1.68 2.25 -6.24
CA SER A 73 2.68 2.38 -5.19
C SER A 73 2.19 3.24 -4.04
N LEU A 74 2.79 3.00 -2.88
CA LEU A 74 2.57 3.80 -1.69
C LEU A 74 3.93 4.29 -1.24
N ALA A 75 4.12 5.60 -1.25
CA ALA A 75 5.38 6.18 -0.82
C ALA A 75 5.19 6.79 0.55
N ILE A 76 6.09 6.43 1.47
CA ILE A 76 6.05 7.01 2.81
C ILE A 76 7.30 7.85 2.97
N SER A 77 7.12 9.17 2.92
CA SER A 77 8.20 10.10 3.15
C SER A 77 8.30 10.43 4.62
N GLY A 78 9.44 10.94 5.05
CA GLY A 78 9.63 11.35 6.43
C GLY A 78 9.27 10.24 7.40
N LEU A 79 9.85 9.07 7.17
CA LEU A 79 9.53 7.88 7.95
C LEU A 79 9.60 8.13 9.46
N ARG A 80 8.59 7.64 10.18
CA ARG A 80 8.58 7.75 11.64
C ARG A 80 8.46 6.34 12.23
N SER A 81 8.90 6.18 13.48
CA SER A 81 8.90 4.85 14.09
C SER A 81 7.50 4.22 14.09
N GLU A 82 6.48 5.05 14.25
CA GLU A 82 5.09 4.55 14.30
C GLU A 82 4.60 4.04 12.95
N ASP A 83 5.40 4.23 11.90
CA ASP A 83 5.04 3.78 10.56
C ASP A 83 5.39 2.31 10.35
N GLU A 84 6.11 1.71 11.30
CA GLU A 84 6.46 0.30 11.18
C GLU A 84 5.20 -0.57 11.25
N ALA A 85 4.93 -1.28 10.17
CA ALA A 85 3.68 -2.00 10.01
C ALA A 85 3.73 -2.82 8.74
N ASP A 86 2.69 -3.62 8.54
CA ASP A 86 2.47 -4.31 7.27
CA ASP A 86 2.48 -4.32 7.27
C ASP A 86 1.50 -3.49 6.43
N TYR A 87 1.83 -3.33 5.15
CA TYR A 87 0.98 -2.53 4.25
C TYR A 87 0.47 -3.43 3.14
N TYR A 88 -0.84 -3.33 2.88
CA TYR A 88 -1.50 -4.16 1.86
C TYR A 88 -2.21 -3.31 0.84
N CYS A 89 -2.11 -3.70 -0.42
CA CYS A 89 -2.92 -3.09 -1.46
C CYS A 89 -4.15 -3.95 -1.73
N LEU A 90 -5.19 -3.34 -2.27
CA LEU A 90 -6.47 -3.99 -2.50
C LEU A 90 -7.08 -3.43 -3.77
N SER A 91 -7.64 -4.29 -4.61
CA SER A 91 -8.38 -3.84 -5.78
C SER A 91 -9.45 -4.86 -6.13
N TRP A 92 -10.52 -4.41 -6.78
CA TRP A 92 -11.50 -5.33 -7.35
C TRP A 92 -10.91 -6.00 -8.60
N ASP A 93 -11.18 -7.30 -8.76
CA ASP A 93 -10.74 -8.03 -9.94
C ASP A 93 -11.96 -8.52 -10.73
N ASP A 94 -12.11 -8.06 -11.96
CA ASP A 94 -13.32 -8.35 -12.73
C ASP A 94 -13.36 -9.77 -13.27
N SER A 95 -12.19 -10.38 -13.45
CA SER A 95 -12.12 -11.75 -13.93
CA SER A 95 -12.13 -11.75 -13.93
C SER A 95 -12.42 -12.73 -12.81
N LEU A 96 -11.74 -12.56 -11.67
CA LEU A 96 -11.93 -13.44 -10.54
C LEU A 96 -13.22 -13.15 -9.79
N ASN A 97 -13.81 -12.00 -10.05
CA ASN A 97 -15.04 -11.60 -9.39
C ASN A 97 -14.81 -11.53 -7.87
N GLY A 98 -13.76 -10.84 -7.48
CA GLY A 98 -13.46 -10.71 -6.07
C GLY A 98 -12.62 -9.50 -5.74
N TRP A 99 -12.59 -9.16 -4.46
CA TRP A 99 -11.69 -8.14 -3.95
C TRP A 99 -10.37 -8.81 -3.56
N VAL A 100 -9.29 -8.45 -4.24
CA VAL A 100 -8.03 -9.15 -4.07
C VAL A 100 -7.00 -8.27 -3.36
N PHE A 101 -6.35 -8.84 -2.35
CA PHE A 101 -5.28 -8.15 -1.64
C PHE A 101 -3.91 -8.64 -2.10
N GLY A 102 -2.92 -7.75 -2.03
CA GLY A 102 -1.54 -8.20 -2.13
C GLY A 102 -1.13 -9.00 -0.90
N GLY A 103 0.05 -9.59 -0.96
CA GLY A 103 0.51 -10.42 0.16
C GLY A 103 1.09 -9.63 1.32
N GLY A 104 1.14 -8.31 1.18
CA GLY A 104 1.67 -7.43 2.23
C GLY A 104 3.15 -7.10 2.05
N THR A 105 3.53 -5.90 2.49
CA THR A 105 4.92 -5.50 2.58
C THR A 105 5.18 -4.95 3.97
N LYS A 106 6.15 -5.52 4.67
CA LYS A 106 6.52 -5.03 5.98
C LYS A 106 7.51 -3.88 5.84
N VAL A 107 7.20 -2.76 6.49
CA VAL A 107 8.12 -1.63 6.58
C VAL A 107 8.71 -1.62 7.98
N THR A 108 10.03 -1.73 8.06
CA THR A 108 10.75 -1.72 9.33
C THR A 108 11.48 -0.40 9.46
N VAL A 109 11.33 0.25 10.62
CA VAL A 109 12.04 1.50 10.87
C VAL A 109 13.18 1.22 11.85
N LEU A 110 14.41 1.33 11.35
CA LEU A 110 15.61 1.02 12.10
C LEU A 110 16.00 2.22 12.93
N ASP A 111 16.57 1.95 14.10
CA ASP A 111 17.18 3.01 14.90
C ASP A 111 18.49 3.40 14.23
N ALA A 112 18.60 4.67 13.86
CA ALA A 112 19.79 5.16 13.15
C ALA A 112 21.06 5.06 14.00
N ALA A 113 22.13 4.55 13.39
CA ALA A 113 23.44 4.50 14.04
C ALA A 113 24.45 3.77 13.16
#